data_9C0N
#
_entry.id   9C0N
#
_cell.length_a   52.656
_cell.length_b   61.736
_cell.length_c   77.177
_cell.angle_alpha   90.00
_cell.angle_beta   90.00
_cell.angle_gamma   90.00
#
_symmetry.space_group_name_H-M   'P 21 21 21'
#
loop_
_entity.id
_entity.type
_entity.pdbx_description
1 polymer 'Alpha/beta fold hydrolase'
2 non-polymer 'CALCIUM ION'
3 water water
#
_entity_poly.entity_id   1
_entity_poly.type   'polypeptide(L)'
_entity_poly.pdbx_seq_one_letter_code
;GPGMRIKTPSPSYLKGTNGHAILLLHSFTGTNRDVKHLAAELNDQGFSCYAPNYPGHGLLLKDFMTYNVDDWWEEVEKAY
QFLVNEGYESISATGVSLGGLMTLKLAQHYPLKRIAVMSAPKEKSDDGLIEHLVYYSQRMSNILNLDQQASSAQLAAIDD
YEGEITKFQHFIDDIMTNLNVIKMPANILFGGKDAPSYETSAHFIYEHLGSVDKELNGLKDSHHLMTHGEGRDILEENVI
RFFNALT
;
_entity_poly.pdbx_strand_id   A
#
# COMPACT_ATOMS: atom_id res chain seq x y z
N ILE A 6 15.80 -15.77 -6.69
CA ILE A 6 15.26 -14.50 -6.19
C ILE A 6 14.68 -13.62 -7.29
N LYS A 7 13.39 -13.35 -7.24
CA LYS A 7 12.80 -12.49 -8.24
C LYS A 7 11.65 -11.71 -7.63
N THR A 8 11.30 -10.59 -8.26
CA THR A 8 10.07 -9.89 -7.88
C THR A 8 8.89 -10.78 -8.21
N PRO A 9 7.97 -11.00 -7.28
CA PRO A 9 6.81 -11.81 -7.60
C PRO A 9 5.99 -11.22 -8.75
N SER A 10 5.29 -12.07 -9.42
CA SER A 10 4.37 -11.67 -10.44
C SER A 10 3.09 -11.11 -9.84
N PRO A 11 2.34 -10.32 -10.61
CA PRO A 11 1.05 -9.87 -10.11
C PRO A 11 0.05 -11.02 -9.93
N SER A 12 -0.96 -10.74 -9.12
N SER A 12 -0.94 -10.77 -9.07
CA SER A 12 -2.00 -11.70 -8.76
CA SER A 12 -1.99 -11.75 -8.82
C SER A 12 -3.36 -11.16 -9.19
C SER A 12 -3.34 -11.17 -9.19
N TYR A 13 -4.05 -11.90 -10.05
CA TYR A 13 -5.34 -11.47 -10.60
C TYR A 13 -6.38 -12.53 -10.28
N LEU A 14 -7.34 -12.17 -9.43
CA LEU A 14 -8.47 -13.03 -9.12
C LEU A 14 -9.71 -12.50 -9.84
N LYS A 15 -10.23 -13.30 -10.77
CA LYS A 15 -11.45 -12.93 -11.48
C LYS A 15 -12.66 -13.28 -10.64
N GLY A 16 -13.55 -12.30 -10.47
CA GLY A 16 -14.79 -12.48 -9.76
C GLY A 16 -15.98 -12.40 -10.70
N THR A 17 -17.15 -12.32 -10.11
CA THR A 17 -18.37 -12.43 -10.86
C THR A 17 -19.27 -11.21 -10.81
N ASN A 18 -19.02 -10.22 -9.93
CA ASN A 18 -20.03 -9.19 -9.67
C ASN A 18 -19.79 -7.92 -10.48
N GLY A 19 -18.71 -7.88 -11.29
CA GLY A 19 -18.45 -6.77 -12.18
C GLY A 19 -17.67 -5.63 -11.58
N HIS A 20 -17.36 -5.70 -10.29
CA HIS A 20 -16.57 -4.67 -9.60
C HIS A 20 -15.16 -5.18 -9.40
N ALA A 21 -14.19 -4.30 -9.59
CA ALA A 21 -12.78 -4.65 -9.40
C ALA A 21 -12.16 -3.81 -8.30
N ILE A 22 -11.26 -4.44 -7.56
CA ILE A 22 -10.52 -3.80 -6.49
C ILE A 22 -9.03 -3.97 -6.73
N LEU A 23 -8.29 -2.89 -6.62
N LEU A 23 -8.31 -2.86 -6.75
CA LEU A 23 -6.83 -2.87 -6.70
CA LEU A 23 -6.86 -2.89 -6.65
C LEU A 23 -6.25 -2.85 -5.31
C LEU A 23 -6.46 -3.06 -5.20
N LEU A 24 -5.47 -3.89 -4.97
CA LEU A 24 -4.90 -4.06 -3.64
C LEU A 24 -3.40 -3.81 -3.67
N LEU A 25 -2.94 -2.86 -2.83
CA LEU A 25 -1.58 -2.32 -2.91
C LEU A 25 -0.83 -2.54 -1.59
N HIS A 26 0.37 -3.09 -1.70
CA HIS A 26 1.14 -3.56 -0.56
C HIS A 26 2.05 -2.48 0.04
N SER A 27 2.73 -2.89 1.11
CA SER A 27 3.52 -2.00 1.94
C SER A 27 4.92 -1.77 1.36
N PHE A 28 5.57 -0.73 1.89
CA PHE A 28 6.97 -0.44 1.60
C PHE A 28 7.86 -1.55 2.14
N THR A 29 8.69 -2.10 1.26
CA THR A 29 9.55 -3.27 1.49
C THR A 29 8.77 -4.57 1.65
N GLY A 30 7.46 -4.56 1.41
CA GLY A 30 6.65 -5.76 1.39
C GLY A 30 6.59 -6.33 -0.01
N THR A 31 5.62 -7.22 -0.24
CA THR A 31 5.31 -7.75 -1.57
C THR A 31 3.82 -7.95 -1.61
N ASN A 32 3.29 -8.41 -2.75
N ASN A 32 3.29 -8.42 -2.75
CA ASN A 32 1.84 -8.60 -2.82
CA ASN A 32 1.84 -8.65 -2.79
C ASN A 32 1.34 -9.78 -1.99
C ASN A 32 1.41 -9.85 -1.95
N ARG A 33 2.23 -10.55 -1.35
N ARG A 33 2.33 -10.57 -1.30
CA ARG A 33 1.78 -11.48 -0.31
CA ARG A 33 1.94 -11.48 -0.23
C ARG A 33 1.20 -10.75 0.91
C ARG A 33 1.19 -10.75 0.87
N ASP A 34 1.50 -9.46 1.07
CA ASP A 34 0.88 -8.68 2.13
C ASP A 34 -0.65 -8.73 2.05
N VAL A 35 -1.20 -8.85 0.84
CA VAL A 35 -2.63 -8.66 0.61
C VAL A 35 -3.30 -9.92 0.10
N LYS A 36 -2.59 -11.06 0.08
CA LYS A 36 -3.13 -12.27 -0.53
C LYS A 36 -4.45 -12.69 0.13
N HIS A 37 -4.46 -12.75 1.45
CA HIS A 37 -5.67 -13.27 2.12
C HIS A 37 -6.86 -12.34 1.93
N LEU A 38 -6.64 -11.05 2.06
CA LEU A 38 -7.73 -10.08 1.86
C LEU A 38 -8.24 -10.09 0.42
N ALA A 39 -7.33 -10.24 -0.55
CA ALA A 39 -7.78 -10.37 -1.93
C ALA A 39 -8.64 -11.62 -2.10
N ALA A 40 -8.20 -12.74 -1.54
CA ALA A 40 -8.95 -13.98 -1.67
C ALA A 40 -10.33 -13.85 -1.02
N GLU A 41 -10.41 -13.21 0.14
CA GLU A 41 -11.70 -13.08 0.81
C GLU A 41 -12.65 -12.17 0.04
N LEU A 42 -12.11 -11.08 -0.50
CA LEU A 42 -12.92 -10.21 -1.35
C LEU A 42 -13.40 -10.94 -2.60
N ASN A 43 -12.53 -11.74 -3.22
CA ASN A 43 -12.95 -12.48 -4.40
C ASN A 43 -14.06 -13.48 -4.06
N ASP A 44 -14.00 -14.10 -2.88
CA ASP A 44 -15.05 -15.01 -2.49
C ASP A 44 -16.38 -14.31 -2.28
N GLN A 45 -16.39 -12.99 -2.15
CA GLN A 45 -17.64 -12.22 -2.13
C GLN A 45 -18.09 -11.76 -3.51
N GLY A 46 -17.36 -12.12 -4.56
CA GLY A 46 -17.73 -11.79 -5.93
C GLY A 46 -16.82 -10.80 -6.64
N PHE A 47 -15.90 -10.14 -5.93
CA PHE A 47 -15.09 -9.09 -6.53
C PHE A 47 -13.95 -9.67 -7.37
N SER A 48 -13.59 -8.94 -8.42
CA SER A 48 -12.31 -9.16 -9.08
C SER A 48 -11.26 -8.36 -8.32
N CYS A 49 -10.10 -8.96 -8.11
CA CYS A 49 -9.03 -8.36 -7.34
C CYS A 49 -7.72 -8.43 -8.12
N TYR A 50 -6.95 -7.33 -8.09
CA TYR A 50 -5.64 -7.29 -8.76
C TYR A 50 -4.62 -6.73 -7.79
N ALA A 51 -3.53 -7.47 -7.58
CA ALA A 51 -2.51 -7.12 -6.60
C ALA A 51 -1.17 -7.08 -7.33
N PRO A 52 -0.73 -5.91 -7.77
CA PRO A 52 0.59 -5.80 -8.39
C PRO A 52 1.68 -5.86 -7.33
N ASN A 53 2.93 -5.94 -7.80
CA ASN A 53 4.11 -5.87 -6.95
C ASN A 53 4.97 -4.70 -7.42
N TYR A 54 5.39 -3.85 -6.49
CA TYR A 54 6.19 -2.70 -6.87
C TYR A 54 7.54 -3.20 -7.38
N PRO A 55 8.06 -2.61 -8.45
CA PRO A 55 9.39 -3.00 -8.93
C PRO A 55 10.43 -2.85 -7.82
N GLY A 56 11.40 -3.76 -7.82
CA GLY A 56 12.45 -3.81 -6.84
C GLY A 56 12.09 -4.55 -5.57
N HIS A 57 10.82 -4.68 -5.28
CA HIS A 57 10.41 -5.29 -4.03
C HIS A 57 10.53 -6.81 -4.13
N GLY A 58 11.18 -7.42 -3.15
CA GLY A 58 11.54 -8.82 -3.22
C GLY A 58 12.99 -9.08 -3.52
N LEU A 59 13.75 -8.05 -3.90
CA LEU A 59 15.14 -8.20 -4.25
C LEU A 59 16.05 -7.79 -3.09
N LEU A 60 17.32 -8.19 -3.20
CA LEU A 60 18.32 -7.73 -2.25
C LEU A 60 18.40 -6.22 -2.27
N LEU A 61 18.86 -5.65 -1.15
CA LEU A 61 18.77 -4.19 -0.96
C LEU A 61 19.45 -3.42 -2.07
N LYS A 62 20.66 -3.85 -2.49
CA LYS A 62 21.38 -3.08 -3.48
C LYS A 62 20.62 -3.02 -4.80
N ASP A 63 19.94 -4.12 -5.18
CA ASP A 63 19.07 -4.08 -6.36
C ASP A 63 17.79 -3.28 -6.08
N PHE A 64 17.20 -3.47 -4.91
CA PHE A 64 16.01 -2.71 -4.50
C PHE A 64 16.21 -1.21 -4.68
N MET A 65 17.39 -0.70 -4.34
CA MET A 65 17.61 0.73 -4.35
C MET A 65 17.97 1.27 -5.72
N THR A 66 17.91 0.46 -6.76
CA THR A 66 17.99 1.01 -8.11
C THR A 66 16.61 1.34 -8.66
N TYR A 67 15.57 1.18 -7.85
CA TYR A 67 14.22 1.59 -8.19
C TYR A 67 13.79 2.66 -7.19
N ASN A 68 12.86 3.51 -7.59
CA ASN A 68 12.44 4.60 -6.70
C ASN A 68 10.93 4.79 -6.80
N VAL A 69 10.44 5.80 -6.08
CA VAL A 69 8.99 5.97 -5.94
C VAL A 69 8.35 6.22 -7.29
N ASP A 70 9.08 6.83 -8.24
CA ASP A 70 8.51 6.97 -9.58
C ASP A 70 8.25 5.62 -10.24
N ASP A 71 9.18 4.67 -10.10
CA ASP A 71 8.93 3.32 -10.61
C ASP A 71 7.73 2.67 -9.92
N TRP A 72 7.59 2.84 -8.61
CA TRP A 72 6.50 2.18 -7.90
C TRP A 72 5.16 2.76 -8.34
N TRP A 73 5.07 4.08 -8.47
CA TRP A 73 3.84 4.72 -8.93
C TRP A 73 3.52 4.33 -10.36
N GLU A 74 4.52 4.23 -11.25
CA GLU A 74 4.21 3.83 -12.61
C GLU A 74 3.58 2.46 -12.68
N GLU A 75 4.04 1.54 -11.82
CA GLU A 75 3.45 0.21 -11.78
C GLU A 75 2.00 0.25 -11.32
N VAL A 76 1.69 1.12 -10.35
CA VAL A 76 0.31 1.26 -9.89
C VAL A 76 -0.56 1.85 -10.99
N GLU A 77 -0.05 2.83 -11.75
CA GLU A 77 -0.78 3.35 -12.89
C GLU A 77 -1.04 2.24 -13.89
N LYS A 78 -0.04 1.41 -14.15
N LYS A 78 -0.03 1.42 -14.14
CA LYS A 78 -0.21 0.36 -15.14
CA LYS A 78 -0.16 0.33 -15.10
C LYS A 78 -1.23 -0.67 -14.68
C LYS A 78 -1.23 -0.65 -14.67
N ALA A 79 -1.29 -0.93 -13.36
CA ALA A 79 -2.28 -1.87 -12.82
C ALA A 79 -3.70 -1.33 -12.97
N TYR A 80 -3.88 -0.05 -12.69
CA TYR A 80 -5.19 0.58 -12.96
C TYR A 80 -5.59 0.44 -14.43
N GLN A 81 -4.65 0.71 -15.35
N GLN A 81 -4.65 0.72 -15.35
CA GLN A 81 -4.98 0.67 -16.76
CA GLN A 81 -4.97 0.66 -16.78
C GLN A 81 -5.25 -0.76 -17.22
C GLN A 81 -5.30 -0.77 -17.17
N PHE A 82 -4.58 -1.75 -16.60
CA PHE A 82 -4.90 -3.15 -16.87
C PHE A 82 -6.38 -3.44 -16.59
N LEU A 83 -6.91 -2.96 -15.46
CA LEU A 83 -8.31 -3.20 -15.12
C LEU A 83 -9.24 -2.47 -16.06
N VAL A 84 -8.90 -1.24 -16.44
CA VAL A 84 -9.70 -0.55 -17.44
C VAL A 84 -9.74 -1.35 -18.72
N ASN A 85 -8.59 -1.85 -19.17
CA ASN A 85 -8.54 -2.58 -20.42
C ASN A 85 -9.28 -3.92 -20.32
N GLU A 86 -9.39 -4.52 -19.13
CA GLU A 86 -10.17 -5.73 -18.94
C GLU A 86 -11.67 -5.46 -19.01
N GLY A 87 -12.09 -4.20 -19.02
CA GLY A 87 -13.50 -3.88 -19.20
C GLY A 87 -14.24 -3.49 -17.95
N TYR A 88 -13.55 -3.34 -16.84
CA TYR A 88 -14.22 -2.97 -15.61
C TYR A 88 -14.59 -1.49 -15.63
N GLU A 89 -15.87 -1.21 -15.41
CA GLU A 89 -16.37 0.15 -15.27
C GLU A 89 -16.40 0.60 -13.82
N SER A 90 -16.26 -0.32 -12.89
CA SER A 90 -16.24 -0.01 -11.46
C SER A 90 -14.92 -0.49 -10.90
N ILE A 91 -14.05 0.45 -10.52
CA ILE A 91 -12.74 0.15 -9.96
C ILE A 91 -12.58 0.90 -8.65
N SER A 92 -12.12 0.18 -7.62
CA SER A 92 -11.90 0.70 -6.27
C SER A 92 -10.49 0.28 -5.88
N ALA A 93 -10.00 0.80 -4.77
CA ALA A 93 -8.64 0.50 -4.37
C ALA A 93 -8.52 0.48 -2.84
N THR A 94 -7.57 -0.33 -2.38
CA THR A 94 -7.24 -0.40 -0.96
C THR A 94 -5.77 -0.70 -0.84
N GLY A 95 -5.14 -0.22 0.22
CA GLY A 95 -3.73 -0.52 0.39
C GLY A 95 -3.28 -0.23 1.79
N VAL A 96 -2.14 -0.79 2.16
N VAL A 96 -2.14 -0.81 2.15
CA VAL A 96 -1.58 -0.64 3.50
CA VAL A 96 -1.53 -0.68 3.48
C VAL A 96 -0.23 0.05 3.41
C VAL A 96 -0.25 0.12 3.34
N SER A 97 -0.02 1.05 4.27
CA SER A 97 1.24 1.78 4.41
C SER A 97 1.52 2.48 3.07
N LEU A 98 2.63 2.21 2.39
CA LEU A 98 2.84 2.85 1.10
C LEU A 98 1.68 2.59 0.15
N GLY A 99 1.05 1.42 0.27
CA GLY A 99 -0.09 1.14 -0.59
C GLY A 99 -1.28 2.02 -0.27
N GLY A 100 -1.38 2.45 0.98
CA GLY A 100 -2.42 3.42 1.34
C GLY A 100 -2.14 4.78 0.73
N LEU A 101 -0.88 5.18 0.69
CA LEU A 101 -0.51 6.41 -0.03
C LEU A 101 -0.80 6.30 -1.51
N MET A 102 -0.49 5.17 -2.13
CA MET A 102 -0.75 4.96 -3.55
C MET A 102 -2.25 5.01 -3.82
N THR A 103 -3.06 4.47 -2.92
CA THR A 103 -4.51 4.54 -3.06
C THR A 103 -5.00 5.99 -3.06
N LEU A 104 -4.49 6.80 -2.10
CA LEU A 104 -4.86 8.21 -2.07
C LEU A 104 -4.45 8.92 -3.36
N LYS A 105 -3.24 8.61 -3.88
CA LYS A 105 -2.79 9.26 -5.11
C LYS A 105 -3.66 8.83 -6.29
N LEU A 106 -4.02 7.55 -6.36
N LEU A 106 -4.00 7.54 -6.36
CA LEU A 106 -4.88 7.08 -7.44
CA LEU A 106 -4.89 7.07 -7.41
C LEU A 106 -6.24 7.75 -7.39
C LEU A 106 -6.19 7.86 -7.38
N ALA A 107 -6.75 8.05 -6.20
CA ALA A 107 -8.00 8.77 -6.07
C ALA A 107 -7.91 10.24 -6.49
N GLN A 108 -6.73 10.86 -6.48
CA GLN A 108 -6.55 12.21 -6.98
C GLN A 108 -6.50 12.27 -8.51
N HIS A 109 -6.19 11.13 -9.14
CA HIS A 109 -6.03 11.05 -10.58
C HIS A 109 -7.22 10.44 -11.32
N TYR A 110 -7.94 9.48 -10.72
CA TYR A 110 -8.91 8.62 -11.40
C TYR A 110 -10.23 8.58 -10.66
N PRO A 111 -11.34 8.21 -11.37
CA PRO A 111 -12.68 8.10 -10.77
C PRO A 111 -12.93 6.76 -10.10
N LEU A 112 -12.14 6.49 -9.08
CA LEU A 112 -12.35 5.32 -8.23
C LEU A 112 -13.72 5.40 -7.55
N LYS A 113 -14.32 4.22 -7.31
N LYS A 113 -14.32 4.23 -7.33
CA LYS A 113 -15.65 4.18 -6.71
CA LYS A 113 -15.65 4.20 -6.72
C LYS A 113 -15.59 4.40 -5.21
C LYS A 113 -15.58 4.42 -5.21
N ARG A 114 -14.62 3.79 -4.54
CA ARG A 114 -14.41 4.01 -3.11
C ARG A 114 -13.02 3.53 -2.77
N ILE A 115 -12.51 4.01 -1.64
CA ILE A 115 -11.14 3.71 -1.26
C ILE A 115 -11.08 3.34 0.22
N ALA A 116 -10.18 2.42 0.57
CA ALA A 116 -9.93 2.06 1.98
C ALA A 116 -8.43 2.12 2.19
N VAL A 117 -8.02 2.91 3.15
CA VAL A 117 -6.62 3.26 3.37
C VAL A 117 -6.21 2.76 4.75
N MET A 118 -5.16 1.95 4.82
CA MET A 118 -4.70 1.35 6.08
C MET A 118 -3.29 1.84 6.39
N SER A 119 -3.10 2.36 7.60
CA SER A 119 -1.75 2.68 8.13
C SER A 119 -0.95 3.62 7.22
N ALA A 120 -1.63 4.59 6.66
CA ALA A 120 -0.93 5.59 5.84
C ALA A 120 -0.25 6.64 6.73
N PRO A 121 1.00 6.99 6.47
CA PRO A 121 1.65 8.08 7.21
C PRO A 121 1.41 9.43 6.53
N LYS A 122 1.39 10.48 7.33
CA LYS A 122 1.26 11.81 6.74
C LYS A 122 2.61 12.42 6.42
N GLU A 123 3.69 11.87 6.99
CA GLU A 123 5.06 12.24 6.68
C GLU A 123 5.98 11.11 7.12
N LYS A 124 7.20 11.11 6.59
CA LYS A 124 8.21 10.15 6.99
C LYS A 124 9.55 10.88 7.05
N SER A 125 10.32 10.59 8.09
CA SER A 125 11.67 11.13 8.22
C SER A 125 12.69 10.28 7.48
N ASP A 126 13.88 10.85 7.29
N ASP A 126 13.89 10.82 7.32
CA ASP A 126 14.99 10.08 6.72
CA ASP A 126 14.97 10.06 6.70
C ASP A 126 15.29 8.86 7.60
C ASP A 126 15.39 8.87 7.57
N ASP A 127 15.51 9.09 8.90
CA ASP A 127 15.82 8.00 9.81
C ASP A 127 14.74 6.92 9.75
N GLY A 128 13.48 7.32 9.75
CA GLY A 128 12.41 6.33 9.70
C GLY A 128 12.45 5.49 8.44
N LEU A 129 12.77 6.10 7.30
CA LEU A 129 12.80 5.30 6.08
C LEU A 129 14.04 4.43 6.01
N ILE A 130 15.20 4.98 6.39
CA ILE A 130 16.40 4.16 6.44
C ILE A 130 16.17 2.96 7.34
N GLU A 131 15.48 3.16 8.46
CA GLU A 131 15.26 2.06 9.39
C GLU A 131 14.43 0.95 8.74
N HIS A 132 13.46 1.31 7.90
CA HIS A 132 12.72 0.29 7.15
C HIS A 132 13.68 -0.53 6.26
N LEU A 133 14.63 0.15 5.62
CA LEU A 133 15.49 -0.54 4.67
C LEU A 133 16.45 -1.49 5.41
N VAL A 134 16.92 -1.07 6.59
CA VAL A 134 17.79 -1.93 7.39
C VAL A 134 17.09 -3.22 7.79
N TYR A 135 15.86 -3.11 8.34
CA TYR A 135 15.13 -4.32 8.72
C TYR A 135 14.89 -5.22 7.52
N TYR A 136 14.57 -4.62 6.37
CA TYR A 136 14.35 -5.40 5.16
C TYR A 136 15.58 -6.24 4.81
N SER A 137 16.75 -5.62 4.88
CA SER A 137 17.97 -6.33 4.49
C SER A 137 18.33 -7.44 5.47
N GLN A 138 17.99 -7.27 6.75
CA GLN A 138 18.32 -8.30 7.74
C GLN A 138 17.43 -9.53 7.59
N ARG A 139 16.11 -9.32 7.51
N ARG A 139 16.11 -9.31 7.50
CA ARG A 139 15.20 -10.44 7.29
CA ARG A 139 15.17 -10.40 7.28
C ARG A 139 15.65 -11.24 6.07
C ARG A 139 15.58 -11.21 6.05
N MET A 140 16.02 -10.52 5.01
CA MET A 140 16.37 -11.16 3.74
C MET A 140 17.66 -11.97 3.87
N SER A 141 18.58 -11.52 4.72
CA SER A 141 19.83 -12.24 4.90
C SER A 141 19.63 -13.53 5.68
N ASN A 142 18.72 -13.53 6.66
CA ASN A 142 18.41 -14.74 7.42
C ASN A 142 17.56 -15.71 6.63
N ILE A 143 16.80 -15.22 5.64
CA ILE A 143 16.07 -16.07 4.71
C ILE A 143 17.07 -16.70 3.74
N LEU A 144 17.66 -15.85 2.89
CA LEU A 144 18.65 -16.28 1.92
C LEU A 144 19.92 -16.78 2.56
N ASN A 145 20.00 -16.75 3.89
CA ASN A 145 21.14 -17.29 4.63
C ASN A 145 22.45 -16.79 4.01
N LEU A 146 22.44 -15.55 3.57
CA LEU A 146 23.63 -14.94 2.98
C LEU A 146 24.76 -14.89 4.00
N ASP A 147 25.99 -14.92 3.49
CA ASP A 147 27.14 -14.84 4.39
C ASP A 147 27.15 -13.48 5.09
N GLN A 148 28.12 -13.31 5.99
CA GLN A 148 28.21 -12.07 6.76
C GLN A 148 28.76 -10.93 5.92
N GLN A 149 29.68 -11.24 5.00
CA GLN A 149 30.32 -10.21 4.21
C GLN A 149 29.32 -9.47 3.33
N ALA A 150 28.47 -10.23 2.63
CA ALA A 150 27.42 -9.64 1.80
C ALA A 150 26.54 -8.69 2.60
N SER A 151 26.00 -9.16 3.73
CA SER A 151 25.05 -8.34 4.49
C SER A 151 25.56 -6.92 4.68
N SER A 152 26.84 -6.77 5.02
CA SER A 152 27.37 -5.44 5.33
C SER A 152 27.46 -4.57 4.09
N ALA A 153 27.85 -5.15 2.95
CA ALA A 153 27.91 -4.37 1.71
C ALA A 153 26.54 -3.89 1.31
N GLN A 154 25.51 -4.72 1.53
CA GLN A 154 24.15 -4.32 1.21
C GLN A 154 23.77 -3.05 1.96
N LEU A 155 24.09 -3.00 3.25
CA LEU A 155 23.69 -1.87 4.10
C LEU A 155 24.54 -0.63 3.79
N ALA A 156 25.76 -0.82 3.28
CA ALA A 156 26.63 0.30 2.94
C ALA A 156 26.14 1.07 1.72
N ALA A 157 25.39 0.41 0.83
CA ALA A 157 24.81 1.08 -0.34
C ALA A 157 23.69 2.04 0.02
N ILE A 158 23.23 2.04 1.27
CA ILE A 158 22.12 2.91 1.67
C ILE A 158 22.48 4.37 1.45
N ASP A 159 23.74 4.73 1.69
CA ASP A 159 24.17 6.12 1.59
C ASP A 159 23.89 6.72 0.21
N ASP A 160 23.94 5.92 -0.85
CA ASP A 160 23.71 6.41 -2.21
C ASP A 160 22.22 6.56 -2.56
N TYR A 161 21.33 6.20 -1.65
CA TYR A 161 19.90 6.30 -1.85
C TYR A 161 19.33 7.61 -1.32
N GLU A 162 20.18 8.51 -0.81
CA GLU A 162 19.69 9.69 -0.11
C GLU A 162 18.80 10.53 -0.99
N GLY A 163 19.17 10.72 -2.27
CA GLY A 163 18.32 11.51 -3.14
C GLY A 163 16.96 10.87 -3.37
N GLU A 164 16.93 9.54 -3.41
N GLU A 164 16.92 9.55 -3.41
CA GLU A 164 15.65 8.86 -3.62
CA GLU A 164 15.65 8.88 -3.62
C GLU A 164 14.80 8.89 -2.36
C GLU A 164 14.80 8.89 -2.36
N ILE A 165 15.42 9.01 -1.19
CA ILE A 165 14.66 9.19 0.05
C ILE A 165 13.97 10.55 0.03
N THR A 166 14.71 11.60 -0.36
CA THR A 166 14.12 12.93 -0.51
C THR A 166 12.95 12.91 -1.49
N LYS A 167 13.12 12.25 -2.64
CA LYS A 167 12.02 12.15 -3.60
C LYS A 167 10.78 11.51 -2.98
N PHE A 168 10.98 10.46 -2.19
CA PHE A 168 9.87 9.77 -1.52
C PHE A 168 9.19 10.72 -0.54
N GLN A 169 9.97 11.51 0.20
CA GLN A 169 9.39 12.47 1.12
C GLN A 169 8.52 13.50 0.39
N HIS A 170 9.01 14.03 -0.73
CA HIS A 170 8.22 14.98 -1.51
C HIS A 170 6.99 14.32 -2.10
N PHE A 171 7.08 13.05 -2.49
CA PHE A 171 5.93 12.30 -2.98
C PHE A 171 4.80 12.28 -1.95
N ILE A 172 5.15 12.01 -0.69
CA ILE A 172 4.16 12.01 0.38
C ILE A 172 3.55 13.40 0.56
N ASP A 173 4.41 14.42 0.60
CA ASP A 173 3.97 15.79 0.81
C ASP A 173 2.99 16.24 -0.28
N ASP A 174 3.27 15.89 -1.54
N ASP A 174 3.30 15.92 -1.55
CA ASP A 174 2.39 16.30 -2.62
CA ASP A 174 2.40 16.24 -2.66
C ASP A 174 1.04 15.60 -2.54
C ASP A 174 1.03 15.65 -2.44
N ILE A 175 0.96 14.38 -2.02
CA ILE A 175 -0.33 13.72 -1.83
C ILE A 175 -1.08 14.40 -0.70
N MET A 176 -0.38 14.66 0.40
CA MET A 176 -1.06 15.13 1.58
C MET A 176 -1.53 16.58 1.44
N THR A 177 -0.86 17.35 0.59
CA THR A 177 -1.26 18.73 0.34
C THR A 177 -2.62 18.82 -0.33
N ASN A 178 -3.05 17.77 -1.04
CA ASN A 178 -4.20 17.84 -1.94
C ASN A 178 -5.26 16.82 -1.60
N LEU A 179 -5.45 16.53 -0.31
CA LEU A 179 -6.46 15.55 0.04
C LEU A 179 -7.87 16.05 -0.24
N ASN A 180 -8.05 17.37 -0.29
CA ASN A 180 -9.36 17.95 -0.52
C ASN A 180 -9.96 17.56 -1.87
N VAL A 181 -9.13 17.14 -2.85
CA VAL A 181 -9.70 16.77 -4.14
C VAL A 181 -10.25 15.36 -4.18
N ILE A 182 -10.04 14.57 -3.13
CA ILE A 182 -10.58 13.24 -3.02
C ILE A 182 -11.98 13.34 -2.49
N LYS A 183 -12.96 12.86 -3.25
CA LYS A 183 -14.35 13.07 -2.92
C LYS A 183 -15.20 11.80 -2.84
N MET A 184 -14.67 10.64 -3.20
CA MET A 184 -15.51 9.45 -3.18
C MET A 184 -15.51 8.85 -1.79
N PRO A 185 -16.41 7.91 -1.52
CA PRO A 185 -16.46 7.35 -0.16
C PRO A 185 -15.13 6.71 0.25
N ALA A 186 -14.77 6.96 1.52
CA ALA A 186 -13.45 6.60 2.03
C ALA A 186 -13.53 5.99 3.42
N ASN A 187 -12.74 4.96 3.65
CA ASN A 187 -12.60 4.29 4.94
C ASN A 187 -11.12 4.41 5.33
N ILE A 188 -10.85 5.17 6.40
CA ILE A 188 -9.48 5.40 6.87
C ILE A 188 -9.27 4.54 8.10
N LEU A 189 -8.30 3.62 8.05
CA LEU A 189 -8.09 2.66 9.13
C LEU A 189 -6.69 2.78 9.70
N PHE A 190 -6.58 2.57 11.01
CA PHE A 190 -5.26 2.48 11.62
C PHE A 190 -5.32 1.47 12.75
N GLY A 191 -4.15 1.00 13.17
CA GLY A 191 -4.06 0.02 14.24
C GLY A 191 -3.69 0.63 15.57
N GLY A 192 -4.39 0.19 16.63
CA GLY A 192 -4.12 0.71 17.96
C GLY A 192 -2.85 0.20 18.59
N LYS A 193 -2.23 -0.83 18.01
CA LYS A 193 -0.93 -1.32 18.43
C LYS A 193 0.16 -0.90 17.46
N ASP A 194 -0.14 0.01 16.53
CA ASP A 194 0.86 0.69 15.71
C ASP A 194 1.41 1.90 16.50
N ALA A 195 2.45 2.53 15.96
CA ALA A 195 2.99 3.74 16.58
C ALA A 195 1.92 4.83 16.65
N PRO A 196 1.96 5.69 17.67
CA PRO A 196 0.93 6.73 17.78
C PRO A 196 0.92 7.70 16.62
N SER A 197 2.04 7.88 15.92
CA SER A 197 2.04 8.74 14.76
C SER A 197 1.03 8.29 13.71
N TYR A 198 0.70 6.99 13.65
CA TYR A 198 -0.26 6.54 12.65
C TYR A 198 -1.70 6.87 13.05
N GLU A 199 -1.97 7.00 14.36
CA GLU A 199 -3.28 7.49 14.76
C GLU A 199 -3.40 8.97 14.40
N THR A 200 -2.37 9.76 14.69
CA THR A 200 -2.38 11.17 14.30
C THR A 200 -2.50 11.32 12.80
N SER A 201 -1.78 10.49 12.04
CA SER A 201 -1.88 10.55 10.58
C SER A 201 -3.29 10.27 10.11
N ALA A 202 -3.94 9.26 10.70
CA ALA A 202 -5.27 8.88 10.23
C ALA A 202 -6.28 9.99 10.46
N HIS A 203 -6.22 10.63 11.63
CA HIS A 203 -7.05 11.79 11.89
C HIS A 203 -6.79 12.91 10.89
N PHE A 204 -5.52 13.19 10.61
CA PHE A 204 -5.18 14.23 9.65
C PHE A 204 -5.80 13.93 8.30
N ILE A 205 -5.61 12.69 7.82
CA ILE A 205 -6.13 12.31 6.53
C ILE A 205 -7.65 12.44 6.51
N TYR A 206 -8.31 11.88 7.53
CA TYR A 206 -9.76 11.94 7.60
C TYR A 206 -10.26 13.38 7.54
N GLU A 207 -9.64 14.26 8.32
CA GLU A 207 -10.12 15.63 8.46
C GLU A 207 -9.91 16.44 7.21
N HIS A 208 -8.96 16.05 6.35
CA HIS A 208 -8.64 16.85 5.17
C HIS A 208 -9.18 16.27 3.89
N LEU A 209 -9.79 15.10 3.94
CA LEU A 209 -10.44 14.55 2.76
C LEU A 209 -11.66 15.40 2.38
N GLY A 210 -11.89 15.52 1.07
CA GLY A 210 -13.09 16.16 0.58
C GLY A 210 -14.34 15.34 0.65
N SER A 211 -14.21 14.03 0.86
CA SER A 211 -15.34 13.12 0.81
C SER A 211 -16.40 13.48 1.84
N VAL A 212 -17.66 13.43 1.43
CA VAL A 212 -18.75 13.61 2.39
C VAL A 212 -19.02 12.30 3.11
N ASP A 213 -18.92 11.18 2.40
N ASP A 213 -18.75 11.16 2.47
CA ASP A 213 -19.02 9.86 3.01
CA ASP A 213 -19.05 9.83 3.02
C ASP A 213 -17.60 9.43 3.34
C ASP A 213 -17.74 9.16 3.42
N LYS A 214 -17.28 9.44 4.65
CA LYS A 214 -15.99 9.00 5.10
C LYS A 214 -16.13 8.49 6.52
N GLU A 215 -15.29 7.51 6.87
CA GLU A 215 -15.29 6.97 8.22
C GLU A 215 -13.85 6.77 8.68
N LEU A 216 -13.67 6.84 10.00
CA LEU A 216 -12.38 6.63 10.63
C LEU A 216 -12.54 5.45 11.58
N ASN A 217 -11.73 4.42 11.37
CA ASN A 217 -11.80 3.19 12.15
C ASN A 217 -10.44 2.88 12.77
N GLY A 218 -10.31 3.13 14.07
CA GLY A 218 -9.17 2.63 14.80
C GLY A 218 -9.47 1.26 15.38
N LEU A 219 -8.68 0.27 14.97
CA LEU A 219 -8.89 -1.11 15.42
C LEU A 219 -7.87 -1.40 16.50
N LYS A 220 -8.37 -1.66 17.72
CA LYS A 220 -7.50 -1.65 18.89
C LYS A 220 -6.44 -2.74 18.85
N ASP A 221 -6.73 -3.88 18.21
CA ASP A 221 -5.80 -5.00 18.25
C ASP A 221 -4.89 -5.08 17.04
N SER A 222 -5.06 -4.20 16.06
CA SER A 222 -4.29 -4.29 14.82
C SER A 222 -2.93 -3.66 14.96
N HIS A 223 -1.93 -4.27 14.34
CA HIS A 223 -0.58 -3.74 14.24
C HIS A 223 -0.44 -2.96 12.93
N HIS A 224 0.77 -2.48 12.64
CA HIS A 224 0.99 -1.64 11.46
C HIS A 224 0.53 -2.34 10.18
N LEU A 225 1.01 -3.56 9.96
CA LEU A 225 0.59 -4.35 8.79
C LEU A 225 -0.76 -4.98 9.17
N MET A 226 -1.82 -4.18 8.99
CA MET A 226 -3.13 -4.55 9.50
C MET A 226 -3.71 -5.78 8.84
N THR A 227 -3.20 -6.16 7.67
CA THR A 227 -3.68 -7.35 6.98
C THR A 227 -3.16 -8.64 7.58
N HIS A 228 -2.21 -8.58 8.51
CA HIS A 228 -1.55 -9.74 9.06
C HIS A 228 -1.64 -9.75 10.57
N GLY A 229 -1.72 -10.96 11.11
CA GLY A 229 -1.55 -11.17 12.53
C GLY A 229 -2.79 -10.86 13.35
N GLU A 230 -2.54 -10.51 14.60
CA GLU A 230 -3.59 -10.20 15.55
C GLU A 230 -4.60 -9.22 14.97
N GLY A 231 -5.88 -9.53 15.17
CA GLY A 231 -6.93 -8.61 14.75
C GLY A 231 -7.34 -8.68 13.30
N ARG A 232 -6.72 -9.56 12.50
CA ARG A 232 -6.93 -9.53 11.06
C ARG A 232 -8.38 -9.81 10.72
N ASP A 233 -9.05 -10.69 11.48
CA ASP A 233 -10.44 -11.01 11.17
C ASP A 233 -11.32 -9.77 11.29
N ILE A 234 -11.07 -8.95 12.30
CA ILE A 234 -11.83 -7.71 12.47
C ILE A 234 -11.55 -6.74 11.31
N LEU A 235 -10.29 -6.57 10.95
CA LEU A 235 -9.94 -5.73 9.80
C LEU A 235 -10.65 -6.20 8.53
N GLU A 236 -10.59 -7.50 8.23
CA GLU A 236 -11.21 -8.00 7.00
C GLU A 236 -12.72 -7.80 7.00
N GLU A 237 -13.40 -8.08 8.12
CA GLU A 237 -14.85 -7.86 8.16
C GLU A 237 -15.16 -6.40 7.86
N ASN A 238 -14.34 -5.49 8.39
CA ASN A 238 -14.60 -4.07 8.19
C ASN A 238 -14.45 -3.66 6.73
N VAL A 239 -13.35 -4.08 6.11
CA VAL A 239 -13.08 -3.73 4.72
C VAL A 239 -14.08 -4.38 3.79
N ILE A 240 -14.45 -5.62 4.06
CA ILE A 240 -15.41 -6.31 3.20
C ILE A 240 -16.78 -5.67 3.29
N ARG A 241 -17.22 -5.34 4.50
CA ARG A 241 -18.48 -4.62 4.67
C ARG A 241 -18.47 -3.31 3.89
N PHE A 242 -17.35 -2.59 3.94
CA PHE A 242 -17.22 -1.32 3.25
C PHE A 242 -17.35 -1.50 1.74
N PHE A 243 -16.69 -2.51 1.18
CA PHE A 243 -16.79 -2.67 -0.27
C PHE A 243 -18.09 -3.32 -0.69
N ASN A 244 -18.72 -4.09 0.20
CA ASN A 244 -20.00 -4.69 -0.17
C ASN A 244 -21.10 -3.65 -0.34
N ALA A 245 -20.86 -2.39 0.04
CA ALA A 245 -21.84 -1.34 -0.24
C ALA A 245 -21.98 -1.08 -1.74
N LEU A 246 -21.02 -1.52 -2.53
CA LEU A 246 -21.10 -1.41 -3.98
C LEU A 246 -22.16 -2.32 -4.57
N THR A 247 -22.55 -3.36 -3.86
CA THR A 247 -23.42 -4.38 -4.41
C THR A 247 -24.83 -4.18 -3.89
#